data_4ZRE
#
_entry.id   4ZRE
#
_cell.length_a   39.740
_cell.length_b   73.239
_cell.length_c   44.919
_cell.angle_alpha   90.000
_cell.angle_beta   108.510
_cell.angle_gamma   90.000
#
_symmetry.space_group_name_H-M   'P 1 21 1'
#
loop_
_entity.id
_entity.type
_entity.pdbx_description
1 polymer 'LIP1, secretory lipase (Family 3)'
2 branched beta-D-mannopyranose-(1-4)-2-acetamido-2-deoxy-beta-D-glucopyranose-(1-4)-2-acetamido-2-deoxy-beta-D-glucopyranose
3 non-polymer 'CHLORIDE ION'
4 water water
#
_entity_poly.entity_id   1
_entity_poly.type   'polypeptide(L)'
_entity_poly.pdbx_seq_one_letter_code
;SSIYARGRGGSSTDQPVANPYNTKEISLAAGLVQQTYCDSTENGLKIGDSELLYTMGEGYARQRVNIYHSPSLGIAVAIE
GTNLFSLNSDLHDAKFWQEDPNERYIQYYPKGTKLMHGFQQAYNDLMDDIFTAVKKYKKEKNEKRVTVIGHSLGAAMGLL
CAMDIELRMDGGLYKTYLFGLPRLGNPTFASFVDQKIGDKFHSIINGRDWVPTVPPRALGYQHPSDYVWIYPGNSTSAKL
YPGQENVHGILTVAREFNDDDHQGIYFHTQIGAVMGECPAQVGAH
;
_entity_poly.pdbx_strand_id   A
#
loop_
_chem_comp.id
_chem_comp.type
_chem_comp.name
_chem_comp.formula
BMA D-saccharide, beta linking beta-D-mannopyranose 'C6 H12 O6'
CL non-polymer 'CHLORIDE ION' 'Cl -1'
NAG D-saccharide, beta linking 2-acetamido-2-deoxy-beta-D-glucopyranose 'C8 H15 N O6'
#
# COMPACT_ATOMS: atom_id res chain seq x y z
N GLY A 7 -16.70 3.39 12.09
CA GLY A 7 -17.49 4.55 11.59
C GLY A 7 -16.81 5.59 10.72
N ARG A 8 -17.52 6.72 10.55
CA ARG A 8 -17.34 7.62 9.41
C ARG A 8 -16.90 9.11 9.67
N GLY A 9 -15.67 9.42 9.19
CA GLY A 9 -15.25 10.81 8.97
C GLY A 9 -14.62 11.51 10.17
N GLY A 10 -14.32 10.77 11.23
CA GLY A 10 -13.66 11.38 12.37
C GLY A 10 -12.22 11.80 12.15
N SER A 11 -11.66 12.35 13.24
CA SER A 11 -10.29 12.83 13.28
C SER A 11 -9.82 12.56 14.69
N SER A 12 -9.10 11.46 14.86
CA SER A 12 -8.71 11.02 16.18
C SER A 12 -7.81 12.03 16.87
N THR A 13 -8.02 12.20 18.16
CA THR A 13 -7.25 13.12 18.99
C THR A 13 -6.37 12.37 19.97
N ASP A 14 -6.32 11.05 19.83
CA ASP A 14 -5.48 10.22 20.66
C ASP A 14 -4.02 10.55 20.40
N GLN A 15 -3.27 10.54 21.48
CA GLN A 15 -1.82 10.76 21.40
C GLN A 15 -1.11 9.58 20.74
N PRO A 16 0.04 9.86 20.10
CA PRO A 16 0.82 8.75 19.52
C PRO A 16 1.39 7.80 20.56
N VAL A 17 1.59 6.56 20.14
CA VAL A 17 2.11 5.51 21.01
C VAL A 17 3.37 4.90 20.33
N ALA A 18 4.08 4.04 21.09
CA ALA A 18 5.31 3.41 20.56
C ALA A 18 4.94 2.62 19.32
N ASN A 19 5.85 2.52 18.37
CA ASN A 19 5.60 1.69 17.17
C ASN A 19 5.52 0.20 17.54
N PRO A 20 4.36 -0.45 17.31
CA PRO A 20 4.21 -1.88 17.68
C PRO A 20 4.40 -2.85 16.54
N TYR A 21 4.64 -2.33 15.32
CA TYR A 21 4.78 -3.17 14.13
C TYR A 21 6.16 -3.80 14.08
N ASN A 22 6.25 -4.94 13.43
CA ASN A 22 7.51 -5.69 13.27
C ASN A 22 8.36 -5.02 12.18
N THR A 23 9.45 -4.40 12.62
CA THR A 23 10.30 -3.57 11.76
C THR A 23 11.12 -4.41 10.77
N LYS A 24 11.37 -5.66 11.13
CA LYS A 24 11.97 -6.61 10.19
C LYS A 24 11.03 -6.90 9.04
N GLU A 25 9.74 -7.11 9.35
CA GLU A 25 8.73 -7.36 8.29
C GLU A 25 8.56 -6.15 7.41
N ILE A 26 8.56 -4.98 8.02
CA ILE A 26 8.47 -3.75 7.28
C ILE A 26 9.65 -3.61 6.32
N SER A 27 10.85 -3.77 6.87
CA SER A 27 12.09 -3.66 6.09
C SER A 27 12.03 -4.58 4.89
N LEU A 28 11.67 -5.85 5.14
CA LEU A 28 11.45 -6.80 4.05
C LEU A 28 10.40 -6.33 3.00
N ALA A 29 9.20 -6.03 3.47
CA ALA A 29 8.11 -5.59 2.62
C ALA A 29 8.53 -4.40 1.73
N ALA A 30 9.29 -3.47 2.31
CA ALA A 30 9.85 -2.33 1.56
C ALA A 30 10.71 -2.81 0.39
N GLY A 31 11.51 -3.85 0.62
CA GLY A 31 12.36 -4.42 -0.45
C GLY A 31 11.55 -5.09 -1.54
N LEU A 32 10.57 -5.84 -1.08
CA LEU A 32 9.70 -6.56 -2.00
C LEU A 32 8.97 -5.63 -2.97
N VAL A 33 8.55 -4.46 -2.48
CA VAL A 33 7.91 -3.47 -3.33
C VAL A 33 8.87 -2.62 -4.11
N GLN A 34 10.00 -2.21 -3.52
CA GLN A 34 11.04 -1.59 -4.34
C GLN A 34 11.35 -2.35 -5.62
N GLN A 35 11.35 -3.67 -5.53
CA GLN A 35 11.75 -4.52 -6.66
C GLN A 35 10.75 -4.42 -7.81
N THR A 36 9.48 -4.13 -7.50
CA THR A 36 8.48 -3.89 -8.55
C THR A 36 8.80 -2.65 -9.40
N TYR A 37 9.72 -1.81 -8.97
CA TYR A 37 10.23 -0.71 -9.83
C TYR A 37 11.39 -1.16 -10.73
N CYS A 38 11.71 -2.46 -10.75
CA CYS A 38 12.87 -3.02 -11.43
C CYS A 38 12.40 -4.08 -12.39
N ASP A 39 13.23 -4.30 -13.41
CA ASP A 39 13.14 -5.50 -14.23
C ASP A 39 13.13 -6.68 -13.25
N SER A 40 12.06 -7.48 -13.32
CA SER A 40 11.79 -8.59 -12.40
C SER A 40 11.61 -9.97 -13.13
N THR A 41 12.30 -10.14 -14.25
CA THR A 41 12.18 -11.34 -15.05
C THR A 41 13.15 -12.42 -14.57
N GLU A 42 14.09 -12.08 -13.67
CA GLU A 42 15.02 -13.06 -13.15
C GLU A 42 14.30 -14.07 -12.29
N ASN A 43 14.07 -15.19 -12.95
CA ASN A 43 13.64 -16.41 -12.34
C ASN A 43 14.33 -16.70 -10.98
N GLY A 44 13.55 -16.73 -9.91
CA GLY A 44 14.04 -17.14 -8.56
C GLY A 44 14.86 -16.11 -7.81
N LEU A 45 14.79 -14.85 -8.23
CA LEU A 45 15.47 -13.78 -7.51
C LEU A 45 15.10 -13.77 -6.04
N LYS A 46 16.09 -13.70 -5.16
CA LYS A 46 15.84 -13.59 -3.73
C LYS A 46 15.96 -12.15 -3.24
N ILE A 47 14.94 -11.69 -2.51
CA ILE A 47 14.91 -10.38 -1.84
C ILE A 47 14.63 -10.63 -0.37
N GLY A 48 15.56 -10.29 0.51
CA GLY A 48 15.42 -10.63 1.95
C GLY A 48 15.18 -12.14 2.08
N ASP A 49 14.17 -12.55 2.84
CA ASP A 49 13.86 -14.00 2.99
C ASP A 49 13.04 -14.61 1.84
N SER A 50 12.79 -13.87 0.78
CA SER A 50 11.72 -14.20 -0.16
C SER A 50 12.24 -14.58 -1.53
N GLU A 51 11.50 -15.44 -2.20
CA GLU A 51 11.78 -15.83 -3.58
C GLU A 51 10.70 -15.29 -4.50
N LEU A 52 11.14 -14.58 -5.54
CA LEU A 52 10.28 -14.11 -6.62
C LEU A 52 9.78 -15.31 -7.41
N LEU A 53 8.47 -15.43 -7.58
CA LEU A 53 7.86 -16.54 -8.33
C LEU A 53 7.32 -16.13 -9.69
N TYR A 54 6.85 -14.89 -9.77
CA TYR A 54 6.12 -14.43 -10.92
C TYR A 54 6.12 -12.89 -10.92
N THR A 55 6.02 -12.32 -12.13
CA THR A 55 5.83 -10.89 -12.33
C THR A 55 4.90 -10.71 -13.54
N MET A 56 4.17 -9.60 -13.56
CA MET A 56 3.34 -9.22 -14.71
C MET A 56 3.25 -7.70 -14.66
N GLY A 57 3.11 -7.09 -15.83
CA GLY A 57 3.13 -5.63 -15.91
C GLY A 57 4.53 -5.09 -15.86
N GLU A 58 4.69 -3.86 -16.36
CA GLU A 58 5.99 -3.23 -16.37
C GLU A 58 5.98 -1.73 -15.98
N GLY A 59 4.83 -1.22 -15.52
CA GLY A 59 4.69 0.19 -15.17
C GLY A 59 4.43 1.10 -16.34
N TYR A 60 3.88 0.57 -17.44
CA TYR A 60 3.50 1.36 -18.62
C TYR A 60 1.96 1.34 -18.79
N ALA A 61 1.36 0.24 -19.24
CA ALA A 61 -0.10 0.12 -19.29
C ALA A 61 -0.62 -0.20 -17.89
N ARG A 62 0.20 -0.89 -17.09
CA ARG A 62 -0.22 -1.42 -15.79
C ARG A 62 0.94 -1.35 -14.85
N GLN A 63 0.68 -1.23 -13.55
CA GLN A 63 1.77 -1.36 -12.58
C GLN A 63 2.34 -2.74 -12.63
N ARG A 64 3.66 -2.84 -12.53
CA ARG A 64 4.27 -4.12 -12.30
C ARG A 64 3.83 -4.71 -10.94
N VAL A 65 3.51 -6.01 -10.95
CA VAL A 65 3.16 -6.78 -9.76
C VAL A 65 4.07 -7.98 -9.69
N ASN A 66 4.68 -8.18 -8.53
CA ASN A 66 5.54 -9.32 -8.25
C ASN A 66 4.88 -10.19 -7.25
N ILE A 67 5.05 -11.50 -7.43
CA ILE A 67 4.57 -12.48 -6.48
C ILE A 67 5.76 -13.21 -5.95
N TYR A 68 5.83 -13.30 -4.63
CA TYR A 68 6.95 -13.96 -3.96
C TYR A 68 6.37 -15.00 -3.00
N HIS A 69 7.18 -15.96 -2.62
CA HIS A 69 6.93 -16.72 -1.43
C HIS A 69 7.95 -16.35 -0.39
N SER A 70 7.46 -16.21 0.84
CA SER A 70 8.27 -15.78 1.96
C SER A 70 7.94 -16.65 3.17
N PRO A 71 8.94 -17.13 3.92
CA PRO A 71 8.60 -17.84 5.16
C PRO A 71 7.85 -17.00 6.19
N SER A 72 8.17 -15.71 6.26
CA SER A 72 7.56 -14.81 7.25
C SER A 72 6.22 -14.23 6.76
N LEU A 73 6.09 -13.97 5.45
CA LEU A 73 4.90 -13.30 4.88
C LEU A 73 4.00 -14.13 3.99
N GLY A 74 4.39 -15.37 3.66
CA GLY A 74 3.58 -16.23 2.84
C GLY A 74 3.66 -15.80 1.40
N ILE A 75 2.56 -15.92 0.65
CA ILE A 75 2.51 -15.42 -0.72
C ILE A 75 2.41 -13.90 -0.65
N ALA A 76 3.46 -13.19 -1.08
CA ALA A 76 3.53 -11.75 -1.01
C ALA A 76 3.33 -11.15 -2.40
N VAL A 77 2.31 -10.29 -2.51
CA VAL A 77 1.93 -9.58 -3.73
C VAL A 77 2.36 -8.11 -3.53
N ALA A 78 3.31 -7.64 -4.33
CA ALA A 78 3.79 -6.28 -4.22
C ALA A 78 3.40 -5.55 -5.48
N ILE A 79 2.90 -4.31 -5.32
CA ILE A 79 2.35 -3.55 -6.43
C ILE A 79 3.11 -2.23 -6.56
N GLU A 80 3.63 -1.99 -7.78
CA GLU A 80 4.38 -0.83 -8.12
C GLU A 80 3.51 0.40 -8.04
N GLY A 81 4.17 1.52 -7.82
CA GLY A 81 3.55 2.83 -7.71
C GLY A 81 4.08 3.91 -8.61
N THR A 82 4.37 3.55 -9.85
CA THR A 82 4.85 4.55 -10.78
C THR A 82 3.71 5.51 -11.16
N ASN A 83 4.12 6.66 -11.68
CA ASN A 83 3.21 7.76 -11.96
CA ASN A 83 3.21 7.77 -11.97
C ASN A 83 2.47 7.58 -13.29
N LEU A 84 1.61 6.59 -13.33
CA LEU A 84 0.64 6.35 -14.42
C LEU A 84 -0.26 7.56 -14.65
N PHE A 85 -0.62 8.25 -13.57
CA PHE A 85 -1.08 9.61 -13.64
C PHE A 85 -0.45 10.38 -12.47
N SER A 86 -0.52 11.69 -12.57
CA SER A 86 0.07 12.61 -11.60
C SER A 86 -0.85 12.80 -10.39
N LEU A 87 -0.32 12.54 -9.19
CA LEU A 87 -1.05 12.78 -7.94
C LEU A 87 -0.90 14.18 -7.40
N ASN A 88 0.02 14.98 -7.93
CA ASN A 88 0.37 16.27 -7.25
C ASN A 88 -0.11 17.53 -7.95
N SER A 89 -1.21 17.37 -8.68
CA SER A 89 -1.54 18.29 -9.74
C SER A 89 -2.98 18.07 -10.14
N ASP A 90 -3.75 19.14 -10.29
CA ASP A 90 -5.08 19.11 -10.88
C ASP A 90 -6.04 18.13 -10.18
N LEU A 91 -6.29 18.39 -8.90
CA LEU A 91 -7.12 17.55 -8.02
C LEU A 91 -8.60 17.46 -8.40
N HIS A 92 -9.06 18.38 -9.21
CA HIS A 92 -10.37 18.33 -9.90
C HIS A 92 -10.50 17.30 -11.05
N ASP A 93 -9.39 16.74 -11.53
CA ASP A 93 -9.41 15.81 -12.68
C ASP A 93 -10.20 14.55 -12.41
N ALA A 94 -10.75 13.98 -13.48
CA ALA A 94 -11.41 12.67 -13.47
C ALA A 94 -10.71 11.60 -12.66
N LYS A 95 -9.38 11.54 -12.72
CA LYS A 95 -8.68 10.48 -11.99
C LYS A 95 -9.01 10.51 -10.48
N PHE A 96 -9.38 11.67 -9.95
CA PHE A 96 -9.66 11.85 -8.51
C PHE A 96 -11.16 11.71 -8.15
N TRP A 97 -12.01 11.46 -9.14
CA TRP A 97 -13.47 11.44 -8.87
C TRP A 97 -13.85 10.22 -8.08
N GLN A 98 -14.84 10.39 -7.22
CA GLN A 98 -15.36 9.22 -6.51
C GLN A 98 -16.30 8.43 -7.39
N GLU A 99 -16.21 7.09 -7.30
CA GLU A 99 -17.15 6.21 -8.00
C GLU A 99 -17.48 4.97 -7.15
N ASP A 100 -18.54 4.27 -7.54
CA ASP A 100 -18.95 3.06 -6.85
C ASP A 100 -17.87 2.01 -7.04
N PRO A 101 -17.79 1.06 -6.11
CA PRO A 101 -16.97 -0.10 -6.35
C PRO A 101 -17.27 -0.81 -7.67
N ASN A 102 -16.21 -1.35 -8.28
CA ASN A 102 -16.26 -2.10 -9.50
C ASN A 102 -17.13 -3.31 -9.29
N GLU A 103 -17.74 -3.77 -10.38
CA GLU A 103 -18.68 -4.87 -10.34
C GLU A 103 -18.13 -6.13 -9.71
N ARG A 104 -16.83 -6.37 -9.82
CA ARG A 104 -16.19 -7.58 -9.31
C ARG A 104 -16.34 -7.75 -7.80
N TYR A 105 -16.41 -6.66 -7.07
CA TYR A 105 -16.47 -6.75 -5.60
C TYR A 105 -17.48 -5.83 -4.95
N ILE A 106 -18.22 -5.06 -5.72
CA ILE A 106 -19.23 -4.16 -5.17
C ILE A 106 -20.20 -4.83 -4.21
N GLN A 107 -20.56 -6.09 -4.47
CA GLN A 107 -21.50 -6.83 -3.66
C GLN A 107 -20.99 -7.13 -2.25
N TYR A 108 -19.68 -7.05 -2.07
CA TYR A 108 -19.10 -7.23 -0.76
C TYR A 108 -19.09 -5.95 0.08
N TYR A 109 -19.37 -4.80 -0.51
CA TYR A 109 -19.18 -3.53 0.18
C TYR A 109 -20.50 -2.94 0.72
N PRO A 110 -20.43 -2.22 1.85
CA PRO A 110 -21.62 -1.45 2.23
C PRO A 110 -22.11 -0.49 1.18
N LYS A 111 -23.42 -0.28 1.20
CA LYS A 111 -24.06 0.76 0.46
C LYS A 111 -23.38 2.09 0.78
N GLY A 112 -23.11 2.86 -0.27
CA GLY A 112 -22.54 4.19 -0.13
C GLY A 112 -21.02 4.22 -0.20
N THR A 113 -20.37 3.05 -0.36
CA THR A 113 -18.93 2.98 -0.52
C THR A 113 -18.54 3.69 -1.81
N LYS A 114 -17.48 4.52 -1.73
CA LYS A 114 -16.91 5.18 -2.93
C LYS A 114 -15.38 5.03 -2.94
N LEU A 115 -14.83 4.89 -4.15
CA LEU A 115 -13.40 4.74 -4.37
C LEU A 115 -12.89 5.73 -5.43
N MET A 116 -11.61 6.09 -5.29
CA MET A 116 -11.03 6.98 -6.27
C MET A 116 -10.84 6.29 -7.64
N HIS A 117 -11.41 6.90 -8.66
CA HIS A 117 -11.39 6.39 -10.00
C HIS A 117 -10.02 5.92 -10.49
N GLY A 118 -8.99 6.74 -10.30
CA GLY A 118 -7.65 6.40 -10.83
C GLY A 118 -7.04 5.14 -10.26
N PHE A 119 -7.20 4.99 -8.94
CA PHE A 119 -6.69 3.87 -8.25
C PHE A 119 -7.45 2.58 -8.56
N GLN A 120 -8.77 2.69 -8.58
CA GLN A 120 -9.65 1.57 -8.82
C GLN A 120 -9.47 1.05 -10.24
N GLN A 121 -9.51 1.95 -11.22
CA GLN A 121 -9.25 1.55 -12.59
C GLN A 121 -7.91 0.77 -12.73
N ALA A 122 -6.85 1.28 -12.12
CA ALA A 122 -5.53 0.63 -12.23
C ALA A 122 -5.52 -0.77 -11.55
N TYR A 123 -6.22 -0.91 -10.42
CA TYR A 123 -6.34 -2.20 -9.76
C TYR A 123 -7.17 -3.20 -10.61
N ASN A 124 -8.28 -2.72 -11.16
CA ASN A 124 -9.15 -3.51 -12.04
C ASN A 124 -8.40 -4.06 -13.27
N ASP A 125 -7.43 -3.32 -13.82
CA ASP A 125 -6.58 -3.83 -14.94
C ASP A 125 -5.72 -5.06 -14.55
N LEU A 126 -5.50 -5.23 -13.25
CA LEU A 126 -4.69 -6.30 -12.68
C LEU A 126 -5.40 -7.36 -11.85
N MET A 127 -6.60 -7.06 -11.33
CA MET A 127 -7.18 -7.87 -10.24
C MET A 127 -7.41 -9.35 -10.58
N ASP A 128 -7.85 -9.63 -11.80
CA ASP A 128 -8.13 -11.02 -12.17
C ASP A 128 -6.82 -11.81 -12.36
N ASP A 129 -5.85 -11.17 -12.99
CA ASP A 129 -4.51 -11.76 -13.12
C ASP A 129 -3.88 -12.00 -11.75
N ILE A 130 -4.04 -11.06 -10.84
CA ILE A 130 -3.51 -11.19 -9.46
C ILE A 130 -4.15 -12.41 -8.77
N PHE A 131 -5.48 -12.52 -8.86
CA PHE A 131 -6.21 -13.61 -8.20
C PHE A 131 -5.79 -14.98 -8.73
N THR A 132 -5.67 -15.08 -10.04
CA THR A 132 -5.30 -16.30 -10.70
C THR A 132 -3.90 -16.73 -10.21
N ALA A 133 -2.95 -15.79 -10.22
CA ALA A 133 -1.59 -16.09 -9.86
C ALA A 133 -1.47 -16.41 -8.40
N VAL A 134 -2.20 -15.69 -7.55
CA VAL A 134 -2.09 -15.94 -6.11
C VAL A 134 -2.56 -17.33 -5.80
N LYS A 135 -3.66 -17.75 -6.40
CA LYS A 135 -4.23 -19.05 -6.12
C LYS A 135 -3.32 -20.14 -6.61
N LYS A 136 -2.76 -19.95 -7.80
CA LYS A 136 -1.71 -20.85 -8.34
C LYS A 136 -0.59 -21.03 -7.32
N TYR A 137 0.03 -19.94 -6.90
CA TYR A 137 1.21 -20.05 -6.04
C TYR A 137 0.88 -20.41 -4.58
N LYS A 138 -0.32 -20.07 -4.07
CA LYS A 138 -0.73 -20.58 -2.76
C LYS A 138 -0.84 -22.13 -2.85
N LYS A 139 -1.36 -22.64 -3.96
CA LYS A 139 -1.46 -24.09 -4.11
C LYS A 139 -0.07 -24.70 -4.24
N GLU A 140 0.74 -24.13 -5.13
CA GLU A 140 2.07 -24.70 -5.30
C GLU A 140 2.93 -24.68 -4.04
N LYS A 141 2.82 -23.67 -3.20
CA LYS A 141 3.61 -23.59 -1.94
C LYS A 141 2.92 -24.09 -0.68
N ASN A 142 1.72 -24.64 -0.85
CA ASN A 142 0.89 -25.09 0.26
C ASN A 142 0.78 -23.97 1.27
N GLU A 143 0.53 -22.76 0.77
CA GLU A 143 0.62 -21.54 1.59
C GLU A 143 -0.74 -20.88 1.66
N LYS A 144 -1.22 -20.68 2.89
CA LYS A 144 -2.49 -20.05 3.16
C LYS A 144 -2.34 -18.51 3.34
N ARG A 145 -1.20 -18.05 3.87
CA ARG A 145 -0.99 -16.63 4.18
C ARG A 145 -0.77 -15.86 2.86
N VAL A 146 -1.47 -14.75 2.72
CA VAL A 146 -1.30 -13.82 1.62
C VAL A 146 -1.02 -12.43 2.19
N THR A 147 0.13 -11.86 1.81
CA THR A 147 0.53 -10.55 2.23
C THR A 147 0.53 -9.59 1.03
N VAL A 148 -0.12 -8.44 1.18
CA VAL A 148 -0.23 -7.45 0.05
C VAL A 148 0.55 -6.19 0.45
N ILE A 149 1.40 -5.74 -0.48
CA ILE A 149 2.37 -4.68 -0.25
C ILE A 149 2.26 -3.71 -1.42
N GLY A 150 2.31 -2.43 -1.10
CA GLY A 150 2.32 -1.44 -2.15
C GLY A 150 2.98 -0.16 -1.69
N HIS A 151 3.37 0.65 -2.68
CA HIS A 151 3.97 1.95 -2.47
C HIS A 151 3.41 2.97 -3.46
N SER A 152 3.19 4.19 -2.96
CA SER A 152 2.76 5.33 -3.76
C SER A 152 1.37 5.01 -4.34
N LEU A 153 1.18 5.14 -5.67
CA LEU A 153 -0.08 4.75 -6.33
C LEU A 153 -0.42 3.32 -6.05
N GLY A 154 0.61 2.49 -5.95
CA GLY A 154 0.45 1.09 -5.74
C GLY A 154 0.08 0.76 -4.30
N ALA A 155 0.27 1.70 -3.36
CA ALA A 155 -0.16 1.50 -1.98
C ALA A 155 -1.69 1.67 -1.91
N ALA A 156 -2.26 2.63 -2.67
CA ALA A 156 -3.75 2.78 -2.66
C ALA A 156 -4.37 1.60 -3.39
N MET A 157 -3.77 1.23 -4.53
CA MET A 157 -4.11 -0.03 -5.21
C MET A 157 -3.93 -1.24 -4.29
N GLY A 158 -2.90 -1.21 -3.48
CA GLY A 158 -2.62 -2.30 -2.55
C GLY A 158 -3.65 -2.43 -1.46
N LEU A 159 -4.18 -1.32 -1.01
CA LEU A 159 -5.25 -1.32 -0.02
C LEU A 159 -6.52 -1.92 -0.62
N LEU A 160 -6.82 -1.56 -1.87
CA LEU A 160 -7.98 -2.14 -2.56
C LEU A 160 -7.81 -3.67 -2.73
N CYS A 161 -6.59 -4.11 -3.07
CA CYS A 161 -6.27 -5.47 -3.28
C CYS A 161 -6.33 -6.26 -1.97
N ALA A 162 -5.74 -5.72 -0.91
CA ALA A 162 -5.81 -6.33 0.41
C ALA A 162 -7.24 -6.57 0.88
N MET A 163 -8.11 -5.56 0.72
CA MET A 163 -9.54 -5.73 0.96
C MET A 163 -10.15 -6.79 0.06
N ASP A 164 -9.82 -6.77 -1.24
CA ASP A 164 -10.35 -7.74 -2.18
C ASP A 164 -9.99 -9.19 -1.77
N ILE A 165 -8.75 -9.40 -1.34
CA ILE A 165 -8.30 -10.70 -0.88
C ILE A 165 -9.04 -11.16 0.39
N GLU A 166 -9.16 -10.27 1.35
CA GLU A 166 -9.92 -10.56 2.59
C GLU A 166 -11.38 -10.92 2.31
N LEU A 167 -12.00 -10.17 1.41
CA LEU A 167 -13.42 -10.34 1.12
C LEU A 167 -13.70 -11.53 0.21
N ARG A 168 -12.87 -11.73 -0.82
CA ARG A 168 -13.17 -12.62 -1.94
C ARG A 168 -12.33 -13.90 -2.04
N MET A 169 -11.11 -13.92 -1.51
CA MET A 169 -10.27 -15.08 -1.61
C MET A 169 -10.42 -15.95 -0.38
N ASP A 170 -10.57 -17.25 -0.63
CA ASP A 170 -10.62 -18.26 0.40
C ASP A 170 -9.37 -18.15 1.29
N GLY A 171 -9.58 -18.16 2.59
CA GLY A 171 -8.49 -17.98 3.55
C GLY A 171 -8.18 -16.52 3.88
N GLY A 172 -8.63 -15.58 3.03
CA GLY A 172 -8.45 -14.14 3.23
C GLY A 172 -7.05 -13.60 3.35
N LEU A 173 -6.89 -12.48 4.06
CA LEU A 173 -5.65 -11.77 4.12
C LEU A 173 -4.88 -12.11 5.38
N TYR A 174 -3.54 -12.19 5.23
CA TYR A 174 -2.65 -12.30 6.36
C TYR A 174 -2.29 -10.90 6.90
N LYS A 175 -1.56 -10.11 6.10
CA LYS A 175 -1.17 -8.72 6.47
C LYS A 175 -1.10 -7.86 5.24
N THR A 176 -1.22 -6.55 5.42
CA THR A 176 -0.88 -5.60 4.34
C THR A 176 0.09 -4.57 4.90
N TYR A 177 1.10 -4.27 4.07
CA TYR A 177 2.12 -3.24 4.37
C TYR A 177 2.11 -2.24 3.27
N LEU A 178 1.72 -1.01 3.61
CA LEU A 178 1.49 0.02 2.61
C LEU A 178 2.37 1.22 2.95
N PHE A 179 3.11 1.66 1.94
CA PHE A 179 4.12 2.70 2.09
C PHE A 179 3.69 3.97 1.35
N GLY A 180 3.68 5.10 2.05
CA GLY A 180 3.31 6.34 1.36
C GLY A 180 1.94 6.23 0.67
N LEU A 181 0.98 5.77 1.47
CA LEU A 181 -0.43 5.50 1.09
C LEU A 181 -1.26 6.79 0.82
N PRO A 182 -1.71 7.00 -0.46
CA PRO A 182 -2.66 8.07 -0.75
C PRO A 182 -3.99 7.71 -0.14
N ARG A 183 -4.87 8.70 0.04
CA ARG A 183 -6.25 8.37 0.41
C ARG A 183 -6.90 7.64 -0.78
N LEU A 184 -7.81 6.72 -0.48
CA LEU A 184 -8.39 5.85 -1.52
C LEU A 184 -9.91 5.97 -1.60
N GLY A 185 -10.56 5.87 -0.45
CA GLY A 185 -12.00 5.84 -0.43
C GLY A 185 -12.61 6.85 0.49
N ASN A 186 -13.92 6.75 0.63
CA ASN A 186 -14.67 7.74 1.44
C ASN A 186 -14.74 7.26 2.87
N PRO A 187 -15.43 8.00 3.77
CA PRO A 187 -15.47 7.47 5.17
C PRO A 187 -16.12 6.09 5.32
N THR A 188 -17.12 5.80 4.51
CA THR A 188 -17.77 4.48 4.50
C THR A 188 -16.74 3.40 4.16
N PHE A 189 -15.98 3.64 3.09
CA PHE A 189 -14.87 2.74 2.79
C PHE A 189 -13.90 2.62 3.96
N ALA A 190 -13.49 3.74 4.51
CA ALA A 190 -12.41 3.75 5.48
C ALA A 190 -12.83 2.96 6.73
N SER A 191 -14.08 3.06 7.14
CA SER A 191 -14.47 2.32 8.37
C SER A 191 -14.72 0.82 8.10
N PHE A 192 -15.05 0.47 6.86
CA PHE A 192 -15.16 -0.93 6.43
C PHE A 192 -13.77 -1.62 6.42
N VAL A 193 -12.74 -0.87 6.00
CA VAL A 193 -11.32 -1.33 6.11
C VAL A 193 -11.01 -1.68 7.58
N ASP A 194 -11.29 -0.75 8.50
CA ASP A 194 -11.06 -1.02 9.94
C ASP A 194 -11.77 -2.29 10.38
N GLN A 195 -13.04 -2.39 10.00
CA GLN A 195 -13.87 -3.54 10.35
C GLN A 195 -13.36 -4.87 9.75
N LYS A 196 -12.93 -4.85 8.49
CA LYS A 196 -12.54 -6.08 7.80
C LYS A 196 -11.08 -6.46 7.94
N ILE A 197 -10.17 -5.48 7.90
CA ILE A 197 -8.72 -5.79 8.00
C ILE A 197 -7.93 -4.94 8.99
N GLY A 198 -8.60 -4.34 9.96
CA GLY A 198 -7.92 -3.41 10.89
C GLY A 198 -6.73 -3.96 11.65
N ASP A 199 -6.87 -5.21 12.11
CA ASP A 199 -5.84 -6.01 12.76
C ASP A 199 -4.66 -6.40 11.82
N LYS A 200 -4.86 -6.23 10.52
CA LYS A 200 -3.95 -6.67 9.48
C LYS A 200 -3.33 -5.52 8.65
N PHE A 201 -3.78 -4.30 8.91
CA PHE A 201 -3.45 -3.08 8.16
C PHE A 201 -2.20 -2.40 8.76
N HIS A 202 -1.24 -2.06 7.91
CA HIS A 202 0.00 -1.37 8.29
C HIS A 202 0.32 -0.31 7.23
N SER A 203 0.01 0.94 7.56
CA SER A 203 0.37 2.11 6.77
C SER A 203 1.62 2.76 7.39
N ILE A 204 2.64 2.91 6.57
CA ILE A 204 3.91 3.45 6.98
C ILE A 204 4.17 4.73 6.20
N ILE A 205 4.35 5.83 6.92
CA ILE A 205 4.61 7.13 6.31
C ILE A 205 6.00 7.65 6.77
N ASN A 206 6.80 8.05 5.79
CA ASN A 206 8.15 8.51 6.04
C ASN A 206 8.25 10.04 6.00
N GLY A 207 8.71 10.61 7.13
CA GLY A 207 9.05 12.02 7.27
C GLY A 207 8.04 12.99 6.71
N ARG A 208 8.46 13.75 5.68
CA ARG A 208 7.68 14.89 5.12
C ARG A 208 6.87 14.57 3.86
N ASP A 209 6.70 13.27 3.63
CA ASP A 209 5.92 12.76 2.52
C ASP A 209 4.54 13.44 2.42
N TRP A 210 4.27 13.92 1.21
CA TRP A 210 3.05 14.64 0.86
C TRP A 210 1.96 13.70 0.38
N VAL A 211 2.36 12.48 -0.07
CA VAL A 211 1.40 11.56 -0.73
C VAL A 211 0.20 11.15 0.16
N PRO A 212 0.41 10.93 1.47
CA PRO A 212 -0.75 10.66 2.30
C PRO A 212 -1.74 11.83 2.54
N THR A 213 -1.45 13.04 2.03
CA THR A 213 -2.38 14.19 2.12
C THR A 213 -3.28 14.29 0.87
N VAL A 214 -3.07 13.41 -0.10
CA VAL A 214 -3.89 13.48 -1.32
C VAL A 214 -4.60 12.17 -1.62
N PRO A 215 -5.76 12.24 -2.26
CA PRO A 215 -6.51 13.48 -2.46
C PRO A 215 -7.02 14.01 -1.12
N PRO A 216 -7.42 15.30 -1.11
CA PRO A 216 -7.78 15.91 0.15
C PRO A 216 -9.14 15.43 0.71
N ARG A 217 -9.24 15.53 2.03
CA ARG A 217 -10.46 15.16 2.75
C ARG A 217 -11.68 15.89 2.26
N ALA A 218 -11.52 17.18 1.92
CA ALA A 218 -12.62 18.00 1.39
C ALA A 218 -13.27 17.39 0.14
N LEU A 219 -12.55 16.54 -0.59
CA LEU A 219 -13.13 15.83 -1.73
C LEU A 219 -13.90 14.56 -1.30
N GLY A 220 -14.02 14.33 0.00
CA GLY A 220 -14.76 13.22 0.57
C GLY A 220 -13.94 11.97 0.78
N TYR A 221 -12.63 12.14 0.99
CA TYR A 221 -11.70 11.01 1.16
C TYR A 221 -11.23 10.92 2.62
N GLN A 222 -10.97 9.70 3.06
CA GLN A 222 -10.64 9.40 4.45
C GLN A 222 -9.73 8.17 4.52
N HIS A 223 -8.65 8.27 5.30
CA HIS A 223 -7.80 7.12 5.57
C HIS A 223 -8.50 6.20 6.59
N PRO A 224 -8.18 4.86 6.58
CA PRO A 224 -8.49 3.92 7.66
C PRO A 224 -7.74 4.31 8.92
N SER A 225 -8.04 3.64 10.01
CA SER A 225 -7.37 3.84 11.29
C SER A 225 -5.91 3.41 11.29
N ASP A 226 -5.09 4.23 11.95
CA ASP A 226 -3.70 3.93 12.32
C ASP A 226 -2.68 4.16 11.20
N TYR A 227 -1.57 4.81 11.54
CA TYR A 227 -0.34 4.70 10.80
C TYR A 227 0.88 4.83 11.68
N VAL A 228 2.00 4.29 11.19
CA VAL A 228 3.29 4.49 11.82
C VAL A 228 4.01 5.53 10.98
N TRP A 229 4.43 6.59 11.66
CA TRP A 229 5.09 7.71 11.04
C TRP A 229 6.52 7.66 11.47
N ILE A 230 7.41 7.47 10.49
CA ILE A 230 8.85 7.56 10.74
C ILE A 230 9.27 9.04 10.71
N TYR A 231 9.70 9.56 11.88
CA TYR A 231 10.03 10.95 12.09
C TYR A 231 11.19 11.06 13.12
N PRO A 232 12.36 11.62 12.75
CA PRO A 232 12.63 12.17 11.41
C PRO A 232 12.60 11.19 10.25
N GLY A 233 12.32 11.73 9.06
CA GLY A 233 12.37 10.96 7.83
C GLY A 233 13.69 10.24 7.67
N ASN A 234 13.64 8.97 7.25
CA ASN A 234 14.79 8.11 7.07
C ASN A 234 15.46 7.68 8.38
N SER A 235 14.88 7.98 9.56
CA SER A 235 15.48 7.60 10.84
C SER A 235 14.92 6.28 11.31
N THR A 236 15.40 5.80 12.45
CA THR A 236 14.83 4.60 13.07
C THR A 236 13.78 4.98 14.12
N SER A 237 13.47 6.27 14.28
CA SER A 237 12.40 6.70 15.19
C SER A 237 11.04 6.70 14.55
N ALA A 238 10.09 6.01 15.18
CA ALA A 238 8.71 5.98 14.71
C ALA A 238 7.71 5.81 15.83
N LYS A 239 6.50 6.33 15.58
CA LYS A 239 5.38 6.20 16.51
C LYS A 239 4.14 5.85 15.69
N LEU A 240 3.16 5.25 16.38
CA LEU A 240 1.86 4.98 15.78
C LEU A 240 0.90 6.07 16.20
N TYR A 241 0.17 6.58 15.22
CA TYR A 241 -0.84 7.62 15.41
C TYR A 241 -2.24 6.98 15.30
N PRO A 242 -2.90 6.71 16.46
CA PRO A 242 -4.13 5.91 16.39
C PRO A 242 -5.31 6.60 15.72
N GLY A 243 -6.13 5.77 15.09
CA GLY A 243 -7.45 6.18 14.65
C GLY A 243 -7.34 6.75 13.26
N GLN A 244 -8.47 7.12 12.69
CA GLN A 244 -8.48 7.71 11.36
C GLN A 244 -8.09 9.17 11.48
N GLU A 245 -7.14 9.61 10.64
CA GLU A 245 -6.84 11.05 10.41
C GLU A 245 -6.41 11.74 11.73
N ASN A 246 -5.50 11.09 12.44
CA ASN A 246 -5.04 11.60 13.72
C ASN A 246 -4.53 13.05 13.60
N VAL A 247 -5.10 13.93 14.39
CA VAL A 247 -4.75 15.34 14.39
C VAL A 247 -3.33 15.66 14.91
N HIS A 248 -2.69 14.74 15.62
CA HIS A 248 -1.32 14.95 16.09
C HIS A 248 -0.25 14.46 15.12
N GLY A 249 -0.69 14.02 13.96
CA GLY A 249 0.21 13.41 13.00
C GLY A 249 0.78 14.33 11.96
N ILE A 250 0.82 13.84 10.73
CA ILE A 250 1.70 14.41 9.72
C ILE A 250 1.52 15.88 9.38
N LEU A 251 0.33 16.41 9.51
CA LEU A 251 0.10 17.85 9.27
C LEU A 251 0.68 18.77 10.35
N THR A 252 1.02 18.26 11.54
CA THR A 252 1.76 19.05 12.52
C THR A 252 3.22 19.38 12.10
N VAL A 253 3.71 18.78 11.01
CA VAL A 253 5.06 19.06 10.48
C VAL A 253 4.96 19.36 8.99
N ALA A 254 5.61 20.46 8.58
CA ALA A 254 5.63 20.87 7.17
C ALA A 254 5.96 19.73 6.23
N ARG A 255 5.05 19.52 5.28
CA ARG A 255 5.33 18.61 4.19
C ARG A 255 6.39 19.23 3.27
N GLU A 256 6.78 18.44 2.27
CA GLU A 256 7.59 18.87 1.17
C GLU A 256 6.82 18.46 -0.10
N PHE A 257 6.99 19.24 -1.17
CA PHE A 257 6.41 18.93 -2.49
C PHE A 257 7.12 17.84 -3.24
N ASN A 258 8.42 17.74 -3.07
CA ASN A 258 9.20 16.72 -3.78
C ASN A 258 8.96 15.29 -3.28
N ASP A 259 9.61 14.33 -3.93
CA ASP A 259 9.42 12.90 -3.57
C ASP A 259 10.52 12.26 -2.73
N ASP A 260 11.33 13.09 -2.05
CA ASP A 260 12.55 12.64 -1.38
C ASP A 260 12.24 11.65 -0.24
N ASP A 261 11.51 12.10 0.80
CA ASP A 261 11.09 11.20 1.89
C ASP A 261 10.17 10.07 1.43
N HIS A 262 9.29 10.38 0.47
CA HIS A 262 8.41 9.36 -0.17
C HIS A 262 9.23 8.16 -0.72
N GLN A 263 10.36 8.50 -1.37
CA GLN A 263 11.34 7.56 -1.91
C GLN A 263 12.52 7.36 -0.96
N GLY A 264 12.23 7.35 0.34
CA GLY A 264 13.30 7.28 1.36
C GLY A 264 13.58 5.92 1.93
N ILE A 265 14.02 5.93 3.19
CA ILE A 265 14.54 4.78 3.88
C ILE A 265 13.54 4.44 4.95
N TYR A 266 13.06 3.18 4.87
CA TYR A 266 12.05 2.61 5.70
C TYR A 266 12.66 1.43 6.40
N PHE A 267 13.01 1.65 7.67
CA PHE A 267 13.58 0.65 8.54
C PHE A 267 14.73 -0.09 7.86
N HIS A 268 15.64 0.71 7.33
CA HIS A 268 16.91 0.28 6.70
C HIS A 268 16.77 -0.17 5.25
N THR A 269 15.58 -0.07 4.67
CA THR A 269 15.43 -0.41 3.26
C THR A 269 14.98 0.80 2.47
N GLN A 270 15.72 1.12 1.43
CA GLN A 270 15.34 2.19 0.54
C GLN A 270 14.25 1.77 -0.44
N ILE A 271 13.18 2.56 -0.55
CA ILE A 271 12.23 2.41 -1.69
C ILE A 271 12.45 3.63 -2.60
N GLY A 272 13.51 3.57 -3.39
CA GLY A 272 13.91 4.71 -4.20
C GLY A 272 13.12 4.85 -5.49
N ALA A 273 12.32 3.83 -5.82
CA ALA A 273 11.43 3.80 -7.00
C ALA A 273 12.23 3.71 -8.27
N VAL A 274 11.84 4.37 -9.38
CA VAL A 274 12.51 4.08 -10.67
C VAL A 274 14.02 4.33 -10.62
N MET A 275 14.43 5.36 -9.88
CA MET A 275 15.82 5.70 -9.75
C MET A 275 16.46 5.17 -8.47
N GLY A 276 15.82 4.19 -7.81
CA GLY A 276 16.39 3.55 -6.66
C GLY A 276 17.27 2.34 -7.02
N GLU A 277 17.34 1.41 -6.07
CA GLU A 277 18.14 0.20 -6.21
C GLU A 277 17.42 -0.93 -6.97
N CYS A 278 18.10 -1.46 -7.99
CA CYS A 278 17.62 -2.58 -8.75
C CYS A 278 18.77 -3.55 -8.93
N PRO A 279 18.68 -4.77 -8.40
CA PRO A 279 17.61 -5.25 -7.49
C PRO A 279 17.49 -4.54 -6.15
N ALA A 280 16.32 -4.65 -5.51
CA ALA A 280 16.11 -4.09 -4.18
C ALA A 280 17.09 -4.68 -3.16
N GLN A 281 17.35 -3.95 -2.10
CA GLN A 281 18.40 -4.29 -1.16
C GLN A 281 17.83 -4.19 0.24
N VAL A 282 17.31 -5.30 0.75
CA VAL A 282 16.76 -5.32 2.11
C VAL A 282 17.86 -5.03 3.11
N GLY A 283 17.69 -3.96 3.88
CA GLY A 283 18.51 -3.67 5.08
C GLY A 283 19.87 -3.08 4.75
N ALA A 284 19.98 -2.53 3.55
CA ALA A 284 21.20 -1.94 3.06
C ALA A 284 21.54 -0.55 3.63
N HIS A 285 20.64 0.08 4.39
CA HIS A 285 20.87 1.40 4.90
C HIS A 285 20.61 1.34 6.38
C1 NAG B . 15.67 10.19 2.66
C2 NAG B . 16.18 11.62 2.43
C3 NAG B . 15.94 12.04 0.99
C4 NAG B . 16.55 11.03 0.03
C5 NAG B . 16.09 9.63 0.39
C6 NAG B . 16.74 8.61 -0.53
C7 NAG B . 16.29 13.35 4.20
C8 NAG B . 15.48 14.19 5.13
N2 NAG B . 15.58 12.55 3.38
O3 NAG B . 16.50 13.34 0.80
O4 NAG B . 16.09 11.28 -1.29
O5 NAG B . 16.40 9.39 1.75
O6 NAG B . 16.17 7.31 -0.38
O7 NAG B . 17.53 13.44 4.24
C1 NAG B . 17.04 11.90 -2.15
C2 NAG B . 16.56 11.72 -3.58
C3 NAG B . 17.50 12.46 -4.51
C4 NAG B . 17.58 13.94 -4.09
C5 NAG B . 18.05 13.99 -2.65
C6 NAG B . 18.13 15.43 -2.13
C7 NAG B . 15.42 9.67 -4.28
C8 NAG B . 15.58 8.19 -4.60
N2 NAG B . 16.53 10.31 -3.92
O3 NAG B . 17.03 12.34 -5.85
O4 NAG B . 18.39 14.84 -4.90
O5 NAG B . 17.14 13.27 -1.81
O6 NAG B . 18.43 15.37 -0.71
O7 NAG B . 14.33 10.23 -4.32
C1 BMA B . 19.25 14.24 -5.85
C2 BMA B . 19.84 15.32 -6.76
C3 BMA B . 20.81 14.69 -7.75
C4 BMA B . 21.85 13.81 -7.00
C5 BMA B . 21.10 12.76 -6.14
C6 BMA B . 21.97 11.77 -5.38
O2 BMA B . 20.50 16.25 -5.94
O3 BMA B . 21.39 15.71 -8.60
O4 BMA B . 22.72 13.17 -7.94
O5 BMA B . 20.28 13.48 -5.19
O6 BMA B . 22.43 12.38 -4.17
CL CL C . 2.90 -2.57 -18.62
#